data_8S9D
#
_entry.id   8S9D
#
_cell.length_a   150.253
_cell.length_b   150.253
_cell.length_c   231.657
_cell.angle_alpha   90.00
_cell.angle_beta   90.00
_cell.angle_gamma   90.00
#
_symmetry.space_group_name_H-M   'I 41 2 2'
#
loop_
_entity.id
_entity.type
_entity.pdbx_description
1 polymer 'citrate synthase'
2 non-polymer 1,2-ETHANEDIOL
3 non-polymer 'CITRATE ANION'
4 water water
#
_entity_poly.entity_id   1
_entity_poly.type   'polypeptide(L)'
_entity_poly.pdbx_seq_one_letter_code
;MTVVPENFVPGLDGVVAFTTEIAEPDKDGGALRYRGVDIEDLVSQRVTFGDVWALLVDGNFGSGLPPAEPFPLPIHSGDV
RVDVQAGLAMLAPIWGYAPLLDIDDATARQQLARASVMALSYVAQSARGIYQPAVPQRIIDESSTVTARFMTRWQGEPDP
RHIEAIDAYWVSAAEHGMNASTFTARVIASTGADVAAALSGAIGAMSGPLHGGAPARVLPMLDEVERAGDARSVVKGILD
RGEKLMGFGHRVYRAEDPRARVLRAAAERLGAPRYEVAVAVEQAALSELRERRPDRAIETNVEFWAAVVLDFARVPANMM
PAMFTCGRTAGWCAHILEQKRLGKLVRPSAIYVGPGPRSPESVDGWERVLTTAHHHHHH
;
_entity_poly.pdbx_strand_id   A
#
loop_
_chem_comp.id
_chem_comp.type
_chem_comp.name
_chem_comp.formula
EDO non-polymer 1,2-ETHANEDIOL 'C2 H6 O2'
FLC non-polymer 'CITRATE ANION' 'C6 H5 O7 -3'
#
# COMPACT_ATOMS: atom_id res chain seq x y z
N GLU A 6 9.24 -27.48 20.85
CA GLU A 6 9.33 -28.07 19.52
C GLU A 6 8.05 -27.82 18.72
N ASN A 7 8.12 -28.07 17.41
CA ASN A 7 7.02 -27.77 16.47
C ASN A 7 6.56 -26.33 16.62
N PHE A 8 7.53 -25.41 16.66
CA PHE A 8 7.24 -24.02 16.92
C PHE A 8 8.17 -23.13 16.11
N VAL A 9 7.59 -22.37 15.18
CA VAL A 9 8.29 -21.29 14.51
C VAL A 9 7.58 -19.99 14.89
N PRO A 10 8.23 -19.10 15.65
CA PRO A 10 7.58 -17.84 16.04
C PRO A 10 7.20 -17.02 14.82
N GLY A 11 6.01 -16.42 14.87
CA GLY A 11 5.56 -15.49 13.86
C GLY A 11 4.41 -15.96 12.98
N LEU A 12 3.76 -17.07 13.32
CA LEU A 12 2.62 -17.59 12.56
C LEU A 12 2.97 -17.90 11.12
N ASP A 13 4.24 -18.14 10.84
CA ASP A 13 4.67 -18.35 9.46
C ASP A 13 4.02 -19.59 8.88
N GLY A 14 3.25 -19.41 7.81
CA GLY A 14 2.59 -20.51 7.15
C GLY A 14 1.36 -21.05 7.85
N VAL A 15 0.81 -20.33 8.81
CA VAL A 15 -0.39 -20.76 9.50
C VAL A 15 -1.61 -20.13 8.82
N VAL A 16 -2.63 -20.95 8.58
CA VAL A 16 -3.85 -20.50 7.93
C VAL A 16 -4.78 -19.91 8.97
N ALA A 17 -5.14 -18.64 8.80
CA ALA A 17 -6.00 -17.94 9.74
C ALA A 17 -7.40 -17.67 9.22
N PHE A 18 -7.57 -17.56 7.90
CA PHE A 18 -8.86 -17.22 7.30
C PHE A 18 -9.02 -17.97 5.99
N THR A 19 -10.24 -17.93 5.47
CA THR A 19 -10.53 -18.24 4.07
C THR A 19 -11.18 -17.02 3.45
N THR A 20 -10.65 -16.57 2.33
CA THR A 20 -11.13 -15.36 1.66
C THR A 20 -11.70 -15.71 0.30
N GLU A 21 -12.65 -14.88 -0.14
CA GLU A 21 -13.16 -14.92 -1.52
C GLU A 21 -12.78 -13.68 -2.29
N ILE A 22 -11.82 -12.90 -1.79
CA ILE A 22 -11.54 -11.56 -2.31
C ILE A 22 -10.58 -11.61 -3.50
N ALA A 23 -9.41 -12.21 -3.30
CA ALA A 23 -8.39 -12.21 -4.34
C ALA A 23 -7.48 -13.41 -4.15
N GLU A 24 -6.88 -13.86 -5.24
CA GLU A 24 -6.02 -15.04 -5.24
C GLU A 24 -4.68 -14.70 -5.88
N PRO A 25 -3.59 -14.60 -5.10
CA PRO A 25 -2.26 -14.42 -5.69
C PRO A 25 -1.56 -15.75 -5.96
N ASP A 26 -1.66 -16.24 -7.20
CA ASP A 26 -1.04 -17.49 -7.62
C ASP A 26 0.47 -17.29 -7.72
N LYS A 27 1.19 -17.70 -6.68
CA LYS A 27 2.65 -17.55 -6.69
C LYS A 27 3.30 -18.47 -7.70
N ASP A 28 2.69 -19.62 -7.99
CA ASP A 28 3.30 -20.58 -8.90
C ASP A 28 3.00 -20.28 -10.36
N GLY A 29 1.82 -19.73 -10.66
CA GLY A 29 1.44 -19.43 -12.02
C GLY A 29 1.74 -18.02 -12.49
N GLY A 30 2.31 -17.18 -11.64
CA GLY A 30 2.61 -15.80 -11.99
C GLY A 30 1.39 -14.95 -12.31
N ALA A 31 0.34 -15.05 -11.49
CA ALA A 31 -0.90 -14.34 -11.73
C ALA A 31 -1.41 -13.68 -10.46
N LEU A 32 -2.20 -12.62 -10.65
CA LEU A 32 -2.90 -11.93 -9.57
C LEU A 32 -4.28 -11.55 -10.07
N ARG A 33 -5.32 -12.10 -9.43
CA ARG A 33 -6.70 -11.89 -9.85
C ARG A 33 -7.51 -11.32 -8.70
N TYR A 34 -8.31 -10.29 -9.00
CA TYR A 34 -9.26 -9.71 -8.05
C TYR A 34 -10.64 -10.26 -8.36
N ARG A 35 -11.15 -11.11 -7.48
CA ARG A 35 -12.45 -11.77 -7.67
C ARG A 35 -12.48 -12.55 -8.99
N GLY A 36 -11.34 -13.14 -9.37
CA GLY A 36 -11.23 -13.92 -10.58
C GLY A 36 -10.78 -13.17 -11.81
N VAL A 37 -10.75 -11.84 -11.78
CA VAL A 37 -10.39 -11.02 -12.93
C VAL A 37 -8.92 -10.64 -12.82
N ASP A 38 -8.16 -10.92 -13.88
CA ASP A 38 -6.73 -10.61 -13.89
C ASP A 38 -6.50 -9.11 -13.83
N ILE A 39 -5.44 -8.70 -13.13
CA ILE A 39 -5.16 -7.27 -13.03
C ILE A 39 -4.68 -6.70 -14.35
N GLU A 40 -4.09 -7.54 -15.21
CA GLU A 40 -3.67 -7.04 -16.53
C GLU A 40 -4.88 -6.64 -17.36
N ASP A 41 -5.98 -7.39 -17.27
CA ASP A 41 -7.20 -6.99 -17.97
C ASP A 41 -7.71 -5.65 -17.44
N LEU A 42 -7.69 -5.45 -16.13
CA LEU A 42 -8.19 -4.20 -15.56
C LEU A 42 -7.35 -3.00 -16.00
N VAL A 43 -6.02 -3.15 -15.98
CA VAL A 43 -5.16 -2.01 -16.27
C VAL A 43 -5.20 -1.66 -17.74
N SER A 44 -5.10 -2.66 -18.62
CA SER A 44 -5.08 -2.41 -20.05
C SER A 44 -6.42 -1.85 -20.53
N GLN A 45 -7.53 -2.40 -20.04
CA GLN A 45 -8.84 -1.90 -20.41
C GLN A 45 -9.19 -0.58 -19.72
N ARG A 46 -8.27 -0.01 -18.93
CA ARG A 46 -8.41 1.30 -18.31
C ARG A 46 -9.67 1.37 -17.43
N VAL A 47 -9.72 0.47 -16.45
CA VAL A 47 -10.74 0.51 -15.42
C VAL A 47 -10.20 1.29 -14.23
N THR A 48 -10.94 2.31 -13.82
CA THR A 48 -10.45 3.27 -12.85
C THR A 48 -10.53 2.71 -11.43
N PHE A 49 -9.79 3.34 -10.51
CA PHE A 49 -9.64 2.82 -9.16
C PHE A 49 -10.99 2.63 -8.47
N GLY A 50 -11.91 3.59 -8.66
CA GLY A 50 -13.20 3.50 -8.00
C GLY A 50 -13.98 2.26 -8.34
N ASP A 51 -13.82 1.76 -9.57
CA ASP A 51 -14.52 0.54 -9.98
C ASP A 51 -13.84 -0.71 -9.45
N VAL A 52 -12.50 -0.70 -9.41
CA VAL A 52 -11.76 -1.82 -8.85
C VAL A 52 -11.97 -1.90 -7.34
N TRP A 53 -12.10 -0.74 -6.68
CA TRP A 53 -12.48 -0.72 -5.27
C TRP A 53 -13.82 -1.42 -5.06
N ALA A 54 -14.80 -1.12 -5.92
CA ALA A 54 -16.12 -1.71 -5.78
C ALA A 54 -16.12 -3.20 -6.11
N LEU A 55 -15.32 -3.61 -7.10
CA LEU A 55 -15.25 -5.02 -7.44
C LEU A 55 -14.68 -5.84 -6.29
N LEU A 56 -13.64 -5.32 -5.63
CA LEU A 56 -13.02 -6.06 -4.54
C LEU A 56 -13.93 -6.11 -3.32
N VAL A 57 -14.62 -5.01 -3.01
CA VAL A 57 -15.45 -4.97 -1.81
C VAL A 57 -16.77 -5.71 -2.03
N ASP A 58 -17.47 -5.40 -3.13
CA ASP A 58 -18.80 -5.96 -3.37
C ASP A 58 -18.74 -7.33 -4.05
N GLY A 59 -17.79 -7.54 -4.95
CA GLY A 59 -17.74 -8.74 -5.74
C GLY A 59 -18.23 -8.60 -7.17
N ASN A 60 -18.52 -7.38 -7.62
CA ASN A 60 -18.98 -7.12 -8.98
C ASN A 60 -18.90 -5.62 -9.23
N PHE A 61 -19.26 -5.21 -10.45
CA PHE A 61 -19.21 -3.82 -10.88
C PHE A 61 -20.54 -3.10 -10.67
N GLY A 62 -21.30 -3.47 -9.64
CA GLY A 62 -22.57 -2.84 -9.36
C GLY A 62 -22.50 -1.34 -9.13
N SER A 63 -21.86 -0.91 -8.04
CA SER A 63 -21.85 0.50 -7.65
C SER A 63 -20.46 0.90 -7.22
N GLY A 64 -19.88 1.88 -7.91
CA GLY A 64 -18.52 2.33 -7.64
C GLY A 64 -18.33 3.12 -6.36
N LEU A 65 -17.47 4.13 -6.42
CA LEU A 65 -17.00 4.89 -5.27
C LEU A 65 -17.51 6.33 -5.36
N PRO A 66 -18.12 6.87 -4.31
CA PRO A 66 -18.65 8.23 -4.37
C PRO A 66 -17.55 9.25 -4.18
N PRO A 67 -17.75 10.48 -4.63
CA PRO A 67 -16.72 11.52 -4.46
C PRO A 67 -16.65 12.01 -3.02
N ALA A 68 -15.49 12.54 -2.65
CA ALA A 68 -15.28 13.00 -1.30
C ALA A 68 -15.98 14.33 -1.05
N GLU A 69 -16.54 14.49 0.16
CA GLU A 69 -17.16 15.73 0.57
C GLU A 69 -16.10 16.75 0.97
N PRO A 70 -16.45 18.04 0.97
CA PRO A 70 -15.49 19.06 1.44
C PRO A 70 -15.24 18.92 2.93
N PHE A 71 -13.96 18.93 3.29
CA PHE A 71 -13.51 18.65 4.64
C PHE A 71 -12.02 19.00 4.73
N PRO A 72 -11.69 20.26 4.98
CA PRO A 72 -10.28 20.63 5.12
C PRO A 72 -9.59 19.80 6.19
N LEU A 73 -8.42 19.28 5.83
CA LEU A 73 -7.66 18.43 6.74
C LEU A 73 -7.34 19.19 8.03
N PRO A 74 -7.63 18.63 9.21
CA PRO A 74 -7.31 19.32 10.46
C PRO A 74 -5.95 18.98 11.06
N ILE A 75 -5.23 17.98 10.56
CA ILE A 75 -3.96 17.54 11.11
C ILE A 75 -2.83 17.97 10.19
N HIS A 76 -1.80 18.61 10.75
CA HIS A 76 -0.63 19.08 10.02
C HIS A 76 0.60 18.73 10.85
N SER A 77 0.94 17.44 10.88
CA SER A 77 2.04 16.93 11.69
C SER A 77 3.39 16.96 10.97
N GLY A 78 3.41 17.19 9.66
CA GLY A 78 4.64 17.11 8.89
C GLY A 78 4.94 15.75 8.33
N ASP A 79 4.04 14.78 8.51
CA ASP A 79 4.20 13.42 8.01
C ASP A 79 2.86 12.99 7.42
N VAL A 80 2.83 12.75 6.11
CA VAL A 80 1.56 12.45 5.43
C VAL A 80 0.88 11.24 6.07
N ARG A 81 1.66 10.20 6.41
CA ARG A 81 1.10 9.02 7.07
C ARG A 81 0.41 9.39 8.37
N VAL A 82 1.08 10.17 9.22
CA VAL A 82 0.52 10.54 10.51
C VAL A 82 -0.76 11.34 10.33
N ASP A 83 -0.78 12.26 9.36
CA ASP A 83 -1.97 13.07 9.11
C ASP A 83 -3.19 12.20 8.80
N VAL A 84 -3.01 11.17 7.98
CA VAL A 84 -4.17 10.37 7.57
C VAL A 84 -4.53 9.33 8.62
N GLN A 85 -3.53 8.82 9.35
CA GLN A 85 -3.81 7.88 10.44
C GLN A 85 -4.62 8.56 11.54
N ALA A 86 -4.26 9.80 11.89
CA ALA A 86 -4.99 10.53 12.92
C ALA A 86 -6.32 11.06 12.40
N GLY A 87 -6.31 11.68 11.21
CA GLY A 87 -7.54 12.25 10.68
C GLY A 87 -8.62 11.21 10.41
N LEU A 88 -8.23 9.97 10.11
CA LEU A 88 -9.22 8.93 9.90
C LEU A 88 -9.91 8.54 11.20
N ALA A 89 -9.14 8.39 12.29
CA ALA A 89 -9.72 8.02 13.57
C ALA A 89 -10.72 9.08 14.06
N MET A 90 -10.43 10.37 13.84
CA MET A 90 -11.35 11.43 14.25
C MET A 90 -12.63 11.51 13.40
N LEU A 91 -12.80 10.65 12.40
CA LEU A 91 -14.05 10.70 11.64
C LEU A 91 -15.21 10.07 12.41
N ALA A 92 -14.92 9.10 13.29
CA ALA A 92 -15.99 8.41 14.00
C ALA A 92 -16.85 9.34 14.85
N PRO A 93 -16.31 10.19 15.72
CA PRO A 93 -17.19 11.07 16.50
C PRO A 93 -18.00 12.03 15.64
N ILE A 94 -17.37 12.72 14.69
CA ILE A 94 -18.07 13.79 13.97
C ILE A 94 -19.11 13.22 13.00
N TRP A 95 -18.88 12.03 12.45
CA TRP A 95 -19.82 11.42 11.52
C TRP A 95 -20.74 10.41 12.20
N GLY A 96 -20.55 10.14 13.49
CA GLY A 96 -21.42 9.21 14.19
C GLY A 96 -21.30 7.77 13.75
N TYR A 97 -20.06 7.28 13.63
CA TYR A 97 -19.82 5.89 13.27
C TYR A 97 -20.01 5.03 14.51
N ALA A 98 -20.93 4.07 14.44
CA ALA A 98 -21.11 3.11 15.52
C ALA A 98 -20.15 1.93 15.37
N PRO A 99 -19.97 1.13 16.42
CA PRO A 99 -19.17 -0.09 16.28
C PRO A 99 -19.75 -1.03 15.24
N LEU A 100 -18.88 -1.89 14.71
CA LEU A 100 -19.30 -2.85 13.69
C LEU A 100 -20.37 -3.80 14.23
N LEU A 101 -20.38 -4.06 15.54
CA LEU A 101 -21.38 -4.96 16.10
C LEU A 101 -22.80 -4.41 15.98
N ASP A 102 -22.96 -3.09 15.98
CA ASP A 102 -24.28 -2.47 16.07
C ASP A 102 -24.84 -2.01 14.72
N ILE A 103 -24.17 -2.31 13.61
CA ILE A 103 -24.65 -1.90 12.30
C ILE A 103 -24.76 -3.12 11.40
N ASP A 104 -25.56 -2.98 10.35
CA ASP A 104 -25.74 -4.05 9.37
C ASP A 104 -24.70 -3.93 8.26
N ASP A 105 -24.74 -4.87 7.33
CA ASP A 105 -23.68 -4.97 6.32
C ASP A 105 -23.69 -3.77 5.38
N ALA A 106 -24.89 -3.32 4.97
CA ALA A 106 -24.98 -2.23 4.01
C ALA A 106 -24.47 -0.93 4.61
N THR A 107 -24.71 -0.71 5.89
CA THR A 107 -24.25 0.50 6.54
C THR A 107 -22.73 0.51 6.67
N ALA A 108 -22.13 -0.64 6.98
CA ALA A 108 -20.68 -0.74 7.03
C ALA A 108 -20.06 -0.45 5.66
N ARG A 109 -20.71 -0.91 4.58
CA ARG A 109 -20.18 -0.65 3.25
C ARG A 109 -20.22 0.84 2.93
N GLN A 110 -21.31 1.53 3.30
CA GLN A 110 -21.38 2.95 3.05
C GLN A 110 -20.37 3.72 3.89
N GLN A 111 -20.14 3.28 5.13
CA GLN A 111 -19.15 3.93 5.97
C GLN A 111 -17.74 3.70 5.44
N LEU A 112 -17.46 2.49 4.93
CA LEU A 112 -16.13 2.21 4.40
C LEU A 112 -15.84 3.02 3.15
N ALA A 113 -16.85 3.20 2.28
CA ALA A 113 -16.65 3.98 1.07
C ALA A 113 -16.44 5.45 1.38
N ARG A 114 -17.15 5.98 2.37
CA ARG A 114 -17.01 7.38 2.76
C ARG A 114 -15.64 7.66 3.37
N ALA A 115 -15.13 6.73 4.17
CA ALA A 115 -13.83 6.93 4.82
C ALA A 115 -12.67 6.68 3.85
N SER A 116 -12.82 5.73 2.93
CA SER A 116 -11.77 5.49 1.93
C SER A 116 -11.51 6.74 1.09
N VAL A 117 -12.56 7.31 0.51
CA VAL A 117 -12.40 8.46 -0.36
C VAL A 117 -11.94 9.70 0.40
N MET A 118 -12.21 9.78 1.70
CA MET A 118 -11.72 10.90 2.50
C MET A 118 -10.25 10.73 2.84
N ALA A 119 -9.78 9.48 2.93
CA ALA A 119 -8.35 9.23 3.08
C ALA A 119 -7.57 9.78 1.88
N LEU A 120 -8.07 9.51 0.67
CA LEU A 120 -7.40 10.03 -0.52
C LEU A 120 -7.39 11.56 -0.52
N SER A 121 -8.48 12.18 -0.07
CA SER A 121 -8.52 13.64 -0.03
C SER A 121 -7.52 14.19 0.99
N TYR A 122 -7.40 13.53 2.16
CA TYR A 122 -6.42 13.97 3.16
C TYR A 122 -5.00 13.82 2.66
N VAL A 123 -4.71 12.74 1.93
CA VAL A 123 -3.36 12.55 1.37
C VAL A 123 -3.04 13.68 0.40
N ALA A 124 -4.00 14.00 -0.49
CA ALA A 124 -3.77 15.04 -1.48
C ALA A 124 -3.57 16.40 -0.81
N GLN A 125 -4.34 16.69 0.25
CA GLN A 125 -4.19 17.98 0.93
C GLN A 125 -2.85 18.07 1.65
N SER A 126 -2.45 16.98 2.30
CA SER A 126 -1.20 16.99 3.06
C SER A 126 0.00 17.15 2.13
N ALA A 127 -0.01 16.45 0.99
CA ALA A 127 1.07 16.56 0.02
C ALA A 127 1.15 17.95 -0.59
N ARG A 128 0.01 18.58 -0.86
CA ARG A 128 0.01 19.94 -1.38
C ARG A 128 0.61 20.93 -0.38
N GLY A 129 0.36 20.72 0.91
CA GLY A 129 1.06 21.47 1.94
C GLY A 129 0.26 22.66 2.45
N ILE A 130 0.66 23.15 3.62
CA ILE A 130 -0.05 24.27 4.24
C ILE A 130 0.32 25.62 3.62
N TYR A 131 1.47 25.73 2.96
CA TYR A 131 1.93 27.01 2.39
C TYR A 131 1.29 27.33 1.05
N GLN A 132 0.20 26.65 0.70
CA GLN A 132 -0.51 26.89 -0.55
C GLN A 132 -2.02 26.95 -0.30
N PRO A 133 -2.72 27.89 -0.93
CA PRO A 133 -4.18 27.90 -0.82
C PRO A 133 -4.78 26.67 -1.46
N ALA A 134 -5.90 26.23 -0.92
CA ALA A 134 -6.53 25.01 -1.40
C ALA A 134 -7.08 25.23 -2.80
N VAL A 135 -7.23 24.13 -3.54
CA VAL A 135 -7.81 24.17 -4.88
C VAL A 135 -9.31 24.30 -4.75
N PRO A 136 -9.94 25.27 -5.43
CA PRO A 136 -11.40 25.47 -5.28
C PRO A 136 -12.18 24.21 -5.62
N GLN A 137 -13.31 24.04 -4.92
CA GLN A 137 -14.13 22.85 -5.12
C GLN A 137 -14.74 22.81 -6.51
N ARG A 138 -14.97 23.97 -7.13
CA ARG A 138 -15.59 23.98 -8.45
C ARG A 138 -14.65 23.46 -9.51
N ILE A 139 -13.33 23.58 -9.30
CA ILE A 139 -12.38 23.04 -10.25
C ILE A 139 -12.27 21.52 -10.08
N ILE A 140 -12.17 21.08 -8.83
CA ILE A 140 -12.17 19.64 -8.51
C ILE A 140 -13.38 18.95 -9.15
N ASP A 141 -14.54 19.60 -9.07
CA ASP A 141 -15.77 18.99 -9.58
C ASP A 141 -15.81 18.85 -11.09
N GLU A 142 -14.87 19.49 -11.80
CA GLU A 142 -14.82 19.35 -13.26
C GLU A 142 -14.41 17.95 -13.69
N SER A 143 -13.78 17.17 -12.82
CA SER A 143 -13.43 15.79 -13.11
C SER A 143 -14.51 14.84 -12.65
N SER A 144 -14.51 13.64 -13.23
CA SER A 144 -15.58 12.67 -13.01
C SER A 144 -15.11 11.37 -12.35
N THR A 145 -13.82 11.16 -12.15
CA THR A 145 -13.31 9.96 -11.50
C THR A 145 -12.66 10.31 -10.18
N VAL A 146 -12.60 9.32 -9.29
CA VAL A 146 -11.93 9.50 -8.00
C VAL A 146 -10.46 9.83 -8.21
N THR A 147 -9.79 9.12 -9.13
CA THR A 147 -8.36 9.33 -9.34
C THR A 147 -8.07 10.72 -9.91
N ALA A 148 -8.91 11.20 -10.82
CA ALA A 148 -8.70 12.53 -11.39
C ALA A 148 -8.94 13.63 -10.37
N ARG A 149 -9.94 13.46 -9.49
CA ARG A 149 -10.18 14.46 -8.47
C ARG A 149 -9.01 14.54 -7.49
N PHE A 150 -8.46 13.39 -7.11
CA PHE A 150 -7.28 13.37 -6.25
C PHE A 150 -6.14 14.18 -6.84
N MET A 151 -5.89 14.01 -8.14
CA MET A 151 -4.79 14.71 -8.79
C MET A 151 -5.08 16.20 -8.90
N THR A 152 -6.33 16.56 -9.22
CA THR A 152 -6.71 17.97 -9.26
C THR A 152 -6.57 18.64 -7.89
N ARG A 153 -7.06 17.98 -6.84
CA ARG A 153 -6.96 18.55 -5.50
C ARG A 153 -5.51 18.74 -5.09
N TRP A 154 -4.62 17.88 -5.57
CA TRP A 154 -3.21 17.95 -5.19
C TRP A 154 -2.44 18.96 -6.05
N GLN A 155 -2.55 18.88 -7.37
CA GLN A 155 -1.68 19.62 -8.27
C GLN A 155 -2.35 20.75 -9.05
N GLY A 156 -3.65 20.95 -8.89
CA GLY A 156 -4.33 22.03 -9.60
C GLY A 156 -4.75 21.63 -10.99
N GLU A 157 -3.85 21.77 -11.95
CA GLU A 157 -4.09 21.22 -13.28
C GLU A 157 -3.67 19.75 -13.30
N PRO A 158 -4.53 18.84 -13.70
CA PRO A 158 -4.12 17.44 -13.80
C PRO A 158 -3.78 17.02 -15.23
N ASP A 159 -2.54 16.59 -15.46
CA ASP A 159 -2.15 16.01 -16.75
C ASP A 159 -2.87 14.69 -16.97
N PRO A 160 -3.67 14.54 -18.04
CA PRO A 160 -4.41 13.28 -18.24
C PRO A 160 -3.52 12.05 -18.31
N ARG A 161 -2.33 12.15 -18.91
CA ARG A 161 -1.43 11.01 -18.95
C ARG A 161 -0.87 10.69 -17.57
N HIS A 162 -0.73 11.70 -16.71
CA HIS A 162 -0.30 11.46 -15.34
C HIS A 162 -1.39 10.77 -14.52
N ILE A 163 -2.67 11.05 -14.81
CA ILE A 163 -3.75 10.39 -14.11
C ILE A 163 -3.79 8.90 -14.47
N GLU A 164 -3.58 8.57 -15.75
CA GLU A 164 -3.59 7.17 -16.16
C GLU A 164 -2.47 6.39 -15.49
N ALA A 165 -1.34 7.04 -15.21
CA ALA A 165 -0.25 6.36 -14.52
C ALA A 165 -0.65 5.99 -13.09
N ILE A 166 -1.39 6.88 -12.41
CA ILE A 166 -1.80 6.61 -11.03
C ILE A 166 -2.88 5.53 -11.00
N ASP A 167 -3.83 5.58 -11.95
CA ASP A 167 -4.86 4.54 -12.01
C ASP A 167 -4.24 3.18 -12.30
N ALA A 168 -3.19 3.14 -13.12
CA ALA A 168 -2.47 1.89 -13.33
C ALA A 168 -1.80 1.42 -12.06
N TYR A 169 -1.13 2.34 -11.35
CA TYR A 169 -0.40 1.97 -10.14
C TYR A 169 -1.34 1.57 -9.01
N TRP A 170 -2.43 2.32 -8.82
CA TRP A 170 -3.35 2.02 -7.71
C TRP A 170 -4.03 0.68 -7.89
N VAL A 171 -4.42 0.34 -9.13
CA VAL A 171 -5.12 -0.91 -9.39
C VAL A 171 -4.22 -2.10 -9.14
N SER A 172 -2.93 -1.99 -9.47
CA SER A 172 -2.00 -3.09 -9.27
C SER A 172 -1.55 -3.22 -7.82
N ALA A 173 -1.71 -2.18 -7.01
CA ALA A 173 -1.38 -2.23 -5.58
C ALA A 173 -2.60 -2.38 -4.68
N ALA A 174 -3.80 -2.57 -5.27
CA ALA A 174 -5.03 -2.52 -4.49
C ALA A 174 -5.09 -3.63 -3.45
N GLU A 175 -4.67 -4.85 -3.79
CA GLU A 175 -4.86 -5.98 -2.92
C GLU A 175 -3.82 -7.05 -3.23
N HIS A 176 -3.22 -7.62 -2.18
CA HIS A 176 -2.23 -8.68 -2.36
C HIS A 176 -2.22 -9.61 -1.15
N GLY A 177 -3.38 -10.21 -0.86
CA GLY A 177 -3.43 -11.23 0.18
C GLY A 177 -3.38 -10.65 1.59
N MET A 178 -2.94 -11.52 2.51
CA MET A 178 -3.00 -11.25 3.94
C MET A 178 -1.73 -10.59 4.45
N ASN A 179 -1.36 -9.47 3.83
CA ASN A 179 -0.22 -8.71 4.31
C ASN A 179 -0.45 -8.27 5.76
N ALA A 180 0.64 -7.87 6.42
CA ALA A 180 0.57 -7.54 7.83
C ALA A 180 -0.39 -6.39 8.12
N SER A 181 -0.44 -5.39 7.24
CA SER A 181 -1.37 -4.28 7.48
C SER A 181 -2.81 -4.70 7.21
N THR A 182 -3.03 -5.64 6.29
CA THR A 182 -4.38 -6.19 6.10
C THR A 182 -4.77 -7.10 7.27
N PHE A 183 -3.82 -7.89 7.76
CA PHE A 183 -4.07 -8.67 8.97
C PHE A 183 -4.42 -7.79 10.15
N THR A 184 -3.73 -6.65 10.29
CA THR A 184 -4.03 -5.71 11.37
C THR A 184 -5.45 -5.16 11.26
N ALA A 185 -5.86 -4.77 10.05
CA ALA A 185 -7.22 -4.29 9.85
C ALA A 185 -8.25 -5.36 10.21
N ARG A 186 -7.98 -6.62 9.87
CA ARG A 186 -8.91 -7.69 10.19
C ARG A 186 -8.97 -7.95 11.69
N VAL A 187 -7.83 -7.83 12.39
CA VAL A 187 -7.81 -8.06 13.82
C VAL A 187 -8.61 -6.97 14.54
N ILE A 188 -8.38 -5.71 14.18
CA ILE A 188 -9.12 -4.61 14.81
C ILE A 188 -10.60 -4.75 14.54
N ALA A 189 -10.97 -5.12 13.31
CA ALA A 189 -12.38 -5.28 12.98
C ALA A 189 -13.03 -6.43 13.74
N SER A 190 -12.25 -7.45 14.10
CA SER A 190 -12.81 -8.61 14.76
C SER A 190 -13.18 -8.33 16.22
N THR A 191 -12.72 -7.22 16.79
CA THR A 191 -13.13 -6.82 18.12
C THR A 191 -14.45 -6.06 18.11
N GLY A 192 -15.02 -5.77 16.95
CA GLY A 192 -16.27 -5.05 16.85
C GLY A 192 -16.13 -3.55 16.72
N ALA A 193 -14.90 -3.03 16.62
CA ALA A 193 -14.66 -1.59 16.57
C ALA A 193 -15.26 -0.97 15.30
N ASP A 194 -15.34 0.35 15.28
CA ASP A 194 -15.85 1.05 14.11
C ASP A 194 -14.82 1.01 12.98
N VAL A 195 -15.30 1.20 11.75
CA VAL A 195 -14.46 1.01 10.57
C VAL A 195 -13.28 1.98 10.57
N ALA A 196 -13.47 3.20 11.07
CA ALA A 196 -12.39 4.18 11.06
C ALA A 196 -11.23 3.76 11.95
N ALA A 197 -11.54 3.11 13.08
CA ALA A 197 -10.48 2.65 13.97
C ALA A 197 -9.65 1.55 13.31
N ALA A 198 -10.27 0.71 12.49
CA ALA A 198 -9.55 -0.38 11.82
C ALA A 198 -8.68 0.13 10.68
N LEU A 199 -9.22 1.04 9.85
CA LEU A 199 -8.41 1.66 8.81
C LEU A 199 -7.22 2.41 9.41
N SER A 200 -7.45 3.13 10.51
CA SER A 200 -6.38 3.93 11.11
C SER A 200 -5.24 3.04 11.59
N GLY A 201 -5.56 1.89 12.18
CA GLY A 201 -4.52 0.98 12.64
C GLY A 201 -3.78 0.30 11.50
N ALA A 202 -4.48 -0.04 10.42
CA ALA A 202 -3.81 -0.62 9.26
C ALA A 202 -2.76 0.34 8.68
N ILE A 203 -3.04 1.64 8.72
CA ILE A 203 -2.06 2.63 8.24
C ILE A 203 -0.81 2.60 9.12
N GLY A 204 -0.99 2.38 10.43
CA GLY A 204 0.17 2.27 11.32
C GLY A 204 1.04 1.08 10.98
N ALA A 205 0.43 -0.03 10.57
CA ALA A 205 1.21 -1.20 10.19
C ALA A 205 1.97 -0.95 8.88
N MET A 206 1.29 -0.39 7.89
CA MET A 206 1.93 -0.07 6.62
C MET A 206 3.12 0.88 6.77
N SER A 207 3.14 1.68 7.85
CA SER A 207 4.24 2.62 8.04
C SER A 207 5.56 1.93 8.35
N GLY A 208 5.53 0.64 8.70
CA GLY A 208 6.73 -0.07 9.04
C GLY A 208 7.58 -0.37 7.81
N PRO A 209 8.87 -0.10 7.91
CA PRO A 209 9.75 -0.25 6.73
C PRO A 209 9.83 -1.67 6.19
N LEU A 210 9.44 -2.68 6.95
CA LEU A 210 9.41 -4.05 6.46
C LEU A 210 8.14 -4.39 5.69
N HIS A 211 7.33 -3.40 5.31
CA HIS A 211 6.09 -3.67 4.60
C HIS A 211 6.29 -3.88 3.10
N GLY A 212 7.44 -3.45 2.56
CA GLY A 212 7.72 -3.59 1.15
C GLY A 212 9.08 -3.02 0.80
N GLY A 213 9.19 -2.44 -0.40
CA GLY A 213 10.43 -1.88 -0.86
C GLY A 213 10.46 -0.35 -0.76
N ALA A 214 11.57 0.21 -1.21
CA ALA A 214 11.82 1.66 -1.21
C ALA A 214 11.91 2.12 -2.64
N PRO A 215 10.79 2.43 -3.29
CA PRO A 215 10.83 2.89 -4.69
C PRO A 215 11.73 4.11 -4.89
N ALA A 216 11.70 5.05 -3.94
CA ALA A 216 12.48 6.28 -4.06
C ALA A 216 13.97 6.01 -4.18
N ARG A 217 14.44 4.85 -3.71
CA ARG A 217 15.86 4.54 -3.68
C ARG A 217 16.43 4.15 -5.04
N VAL A 218 15.59 3.73 -6.00
CA VAL A 218 16.11 3.39 -7.32
C VAL A 218 16.27 4.62 -8.20
N LEU A 219 15.58 5.72 -7.88
CA LEU A 219 15.68 6.92 -8.70
C LEU A 219 17.08 7.51 -8.77
N PRO A 220 17.85 7.61 -7.67
CA PRO A 220 19.22 8.13 -7.83
C PRO A 220 20.09 7.27 -8.74
N MET A 221 19.97 5.95 -8.67
CA MET A 221 20.68 5.10 -9.61
C MET A 221 20.27 5.39 -11.04
N LEU A 222 18.96 5.47 -11.29
CA LEU A 222 18.47 5.76 -12.64
C LEU A 222 18.91 7.15 -13.11
N ASP A 223 19.22 8.06 -12.20
CA ASP A 223 19.66 9.39 -12.61
C ASP A 223 21.12 9.40 -13.04
N GLU A 224 21.91 8.44 -12.54
CA GLU A 224 23.31 8.34 -12.95
C GLU A 224 23.42 7.92 -14.42
N VAL A 225 22.59 6.99 -14.85
CA VAL A 225 22.61 6.49 -16.22
C VAL A 225 21.87 7.47 -17.11
N GLU A 226 22.57 8.03 -18.11
CA GLU A 226 21.98 9.03 -18.99
C GLU A 226 21.59 8.50 -20.36
N ARG A 227 22.13 7.37 -20.77
CA ARG A 227 21.77 6.72 -22.03
C ARG A 227 21.72 5.22 -21.81
N ALA A 228 21.09 4.51 -22.75
CA ALA A 228 21.00 3.06 -22.62
C ALA A 228 22.37 2.39 -22.69
N GLY A 229 23.36 3.03 -23.31
CA GLY A 229 24.65 2.39 -23.51
C GLY A 229 25.47 2.25 -22.25
N ASP A 230 25.50 3.29 -21.40
CA ASP A 230 26.29 3.25 -20.18
C ASP A 230 25.58 2.58 -19.02
N ALA A 231 24.49 1.85 -19.27
CA ALA A 231 23.81 1.13 -18.18
C ALA A 231 24.65 -0.02 -17.66
N ARG A 232 25.38 -0.72 -18.54
CA ARG A 232 26.21 -1.81 -18.08
C ARG A 232 27.39 -1.30 -17.27
N SER A 233 27.99 -0.19 -17.69
CA SER A 233 29.14 0.36 -16.99
C SER A 233 28.77 0.81 -15.58
N VAL A 234 27.63 1.47 -15.43
CA VAL A 234 27.20 1.94 -14.11
C VAL A 234 26.92 0.75 -13.20
N VAL A 235 26.19 -0.25 -13.70
CA VAL A 235 25.91 -1.43 -12.89
C VAL A 235 27.21 -2.14 -12.51
N LYS A 236 28.21 -2.10 -13.38
CA LYS A 236 29.55 -2.59 -13.02
C LYS A 236 30.08 -1.87 -11.79
N GLY A 237 29.99 -0.53 -11.77
CA GLY A 237 30.59 0.23 -10.69
C GLY A 237 29.92 -0.01 -9.36
N ILE A 238 28.59 -0.02 -9.33
CA ILE A 238 27.86 -0.20 -8.07
C ILE A 238 28.15 -1.57 -7.48
N LEU A 239 28.23 -2.60 -8.31
CA LEU A 239 28.50 -3.93 -7.82
C LEU A 239 29.96 -4.11 -7.42
N ASP A 240 30.87 -3.31 -7.96
CA ASP A 240 32.28 -3.42 -7.60
C ASP A 240 32.61 -2.66 -6.33
N ARG A 241 31.86 -1.62 -6.01
CA ARG A 241 32.07 -0.86 -4.79
C ARG A 241 31.43 -1.51 -3.56
N GLY A 242 30.95 -2.74 -3.68
CA GLY A 242 30.34 -3.45 -2.59
C GLY A 242 28.93 -3.02 -2.23
N GLU A 243 28.34 -2.08 -2.96
CA GLU A 243 27.00 -1.60 -2.67
C GLU A 243 25.95 -2.57 -3.21
N LYS A 244 24.69 -2.24 -2.99
CA LYS A 244 23.58 -3.06 -3.45
C LYS A 244 22.87 -2.40 -4.63
N LEU A 245 22.22 -3.23 -5.43
CA LEU A 245 21.46 -2.79 -6.59
C LEU A 245 20.02 -2.56 -6.18
N MET A 246 19.53 -1.33 -6.33
CA MET A 246 18.17 -0.99 -5.92
C MET A 246 17.16 -1.57 -6.91
N GLY A 247 16.22 -2.35 -6.39
CA GLY A 247 15.11 -2.84 -7.18
C GLY A 247 15.19 -4.29 -7.62
N PHE A 248 16.21 -5.04 -7.18
CA PHE A 248 16.40 -6.41 -7.62
C PHE A 248 16.77 -7.27 -6.44
N GLY A 249 16.25 -8.50 -6.44
CA GLY A 249 16.56 -9.43 -5.37
C GLY A 249 15.98 -10.79 -5.64
N HIS A 250 15.91 -11.60 -4.58
CA HIS A 250 15.29 -12.91 -4.67
C HIS A 250 13.84 -12.78 -5.12
N ARG A 251 13.39 -13.77 -5.88
CA ARG A 251 12.06 -13.72 -6.48
C ARG A 251 10.98 -13.82 -5.41
N VAL A 252 9.90 -13.06 -5.59
CA VAL A 252 8.74 -13.14 -4.70
C VAL A 252 7.74 -14.12 -5.29
N TYR A 253 7.32 -13.90 -6.53
CA TYR A 253 6.60 -14.93 -7.28
C TYR A 253 7.60 -15.92 -7.84
N ARG A 254 7.14 -17.16 -8.08
CA ARG A 254 8.03 -18.21 -8.55
C ARG A 254 8.75 -17.81 -9.83
N ALA A 255 8.11 -16.99 -10.66
CA ALA A 255 8.78 -16.37 -11.79
C ALA A 255 8.97 -14.90 -11.44
N GLU A 256 8.13 -14.01 -11.94
CA GLU A 256 8.18 -12.60 -11.60
C GLU A 256 6.87 -12.17 -10.99
N ASP A 257 6.92 -11.07 -10.25
CA ASP A 257 5.71 -10.46 -9.76
C ASP A 257 4.90 -9.96 -10.96
N PRO A 258 3.69 -10.47 -11.19
CA PRO A 258 2.87 -9.93 -12.28
C PRO A 258 2.60 -8.45 -12.13
N ARG A 259 2.75 -7.89 -10.93
CA ARG A 259 2.53 -6.47 -10.75
C ARG A 259 3.66 -5.66 -11.39
N ALA A 260 4.88 -6.15 -11.32
CA ALA A 260 5.97 -5.51 -12.06
C ALA A 260 5.71 -5.55 -13.57
N ARG A 261 5.05 -6.60 -14.05
CA ARG A 261 4.72 -6.70 -15.47
C ARG A 261 3.82 -5.56 -15.91
N VAL A 262 2.68 -5.37 -15.22
CA VAL A 262 1.72 -4.38 -15.71
C VAL A 262 2.27 -2.96 -15.54
N LEU A 263 3.09 -2.73 -14.51
CA LEU A 263 3.65 -1.39 -14.31
C LEU A 263 4.62 -1.04 -15.43
N ARG A 264 5.48 -1.99 -15.81
CA ARG A 264 6.41 -1.75 -16.91
C ARG A 264 5.67 -1.57 -18.23
N ALA A 265 4.69 -2.43 -18.50
CA ALA A 265 3.88 -2.26 -19.71
C ALA A 265 3.18 -0.91 -19.73
N ALA A 266 2.66 -0.48 -18.58
CA ALA A 266 2.01 0.81 -18.51
C ALA A 266 3.00 1.94 -18.78
N ALA A 267 4.25 1.81 -18.31
CA ALA A 267 5.25 2.84 -18.56
C ALA A 267 5.56 2.95 -20.04
N GLU A 268 5.61 1.81 -20.74
CA GLU A 268 5.85 1.83 -22.18
C GLU A 268 4.67 2.44 -22.92
N ARG A 269 3.45 2.00 -22.59
CA ARG A 269 2.26 2.48 -23.28
C ARG A 269 2.07 3.98 -23.08
N LEU A 270 2.42 4.50 -21.89
CA LEU A 270 2.21 5.91 -21.64
C LEU A 270 3.37 6.78 -22.12
N GLY A 271 4.45 6.18 -22.61
CA GLY A 271 5.54 6.96 -23.15
C GLY A 271 6.32 7.72 -22.10
N ALA A 272 6.65 7.05 -21.00
CA ALA A 272 7.39 7.71 -19.93
C ALA A 272 8.85 7.91 -20.34
N PRO A 273 9.40 9.11 -20.19
CA PRO A 273 10.76 9.37 -20.71
C PRO A 273 11.82 8.42 -20.16
N ARG A 274 11.72 8.01 -18.90
CA ARG A 274 12.72 7.13 -18.32
C ARG A 274 12.63 5.69 -18.83
N TYR A 275 11.64 5.34 -19.67
CA TYR A 275 11.43 3.95 -20.03
C TYR A 275 12.65 3.35 -20.71
N GLU A 276 13.18 4.04 -21.73
CA GLU A 276 14.33 3.53 -22.47
C GLU A 276 15.50 3.20 -21.53
N VAL A 277 15.84 4.14 -20.65
CA VAL A 277 16.95 3.92 -19.73
C VAL A 277 16.60 2.88 -18.67
N ALA A 278 15.34 2.83 -18.24
CA ALA A 278 14.98 1.88 -17.18
C ALA A 278 14.99 0.44 -17.69
N VAL A 279 14.56 0.22 -18.94
CA VAL A 279 14.65 -1.12 -19.51
C VAL A 279 16.11 -1.56 -19.62
N ALA A 280 16.99 -0.66 -20.04
CA ALA A 280 18.40 -1.02 -20.19
C ALA A 280 19.03 -1.37 -18.85
N VAL A 281 18.66 -0.65 -17.79
CA VAL A 281 19.22 -0.97 -16.47
C VAL A 281 18.65 -2.30 -15.97
N GLU A 282 17.40 -2.61 -16.31
CA GLU A 282 16.82 -3.87 -15.86
C GLU A 282 17.58 -5.07 -16.40
N GLN A 283 17.83 -5.09 -17.72
CA GLN A 283 18.55 -6.22 -18.32
C GLN A 283 20.02 -6.23 -17.91
N ALA A 284 20.62 -5.06 -17.70
CA ALA A 284 21.99 -5.01 -17.22
C ALA A 284 22.11 -5.61 -15.82
N ALA A 285 21.23 -5.19 -14.90
CA ALA A 285 21.30 -5.67 -13.53
C ALA A 285 21.00 -7.17 -13.46
N LEU A 286 20.01 -7.64 -14.22
CA LEU A 286 19.65 -9.05 -14.18
C LEU A 286 20.75 -9.93 -14.76
N SER A 287 21.39 -9.48 -15.84
CA SER A 287 22.45 -10.27 -16.44
C SER A 287 23.63 -10.42 -15.50
N GLU A 288 23.91 -9.38 -14.69
CA GLU A 288 25.04 -9.42 -13.76
C GLU A 288 24.73 -10.29 -12.56
N LEU A 289 23.59 -10.07 -11.92
CA LEU A 289 23.26 -10.79 -10.69
C LEU A 289 23.18 -12.28 -10.94
N ARG A 290 22.65 -12.69 -12.09
CA ARG A 290 22.59 -14.10 -12.44
C ARG A 290 23.93 -14.65 -12.88
N GLU A 291 24.91 -13.78 -13.15
CA GLU A 291 26.25 -14.20 -13.53
C GLU A 291 27.17 -14.35 -12.33
N ARG A 292 27.06 -13.45 -11.35
CA ARG A 292 27.92 -13.52 -10.17
C ARG A 292 27.46 -14.61 -9.20
N ARG A 293 26.16 -14.90 -9.15
CA ARG A 293 25.61 -15.93 -8.27
C ARG A 293 24.51 -16.66 -9.02
N PRO A 294 24.87 -17.66 -9.83
CA PRO A 294 23.87 -18.39 -10.62
C PRO A 294 23.03 -19.37 -9.81
N ASP A 295 23.26 -19.47 -8.51
CA ASP A 295 22.54 -20.40 -7.65
C ASP A 295 21.21 -19.85 -7.15
N ARG A 296 20.97 -18.55 -7.27
CA ARG A 296 19.78 -17.91 -6.74
C ARG A 296 18.84 -17.49 -7.87
N ALA A 297 17.54 -17.63 -7.61
CA ALA A 297 16.52 -17.16 -8.54
C ALA A 297 16.32 -15.67 -8.31
N ILE A 298 16.81 -14.86 -9.25
CA ILE A 298 16.86 -13.41 -9.12
C ILE A 298 15.85 -12.80 -10.09
N GLU A 299 15.05 -11.86 -9.60
CA GLU A 299 14.01 -11.23 -10.40
C GLU A 299 13.98 -9.74 -10.13
N THR A 300 13.27 -9.02 -10.98
CA THR A 300 13.04 -7.60 -10.78
C THR A 300 11.93 -7.41 -9.76
N ASN A 301 12.19 -6.62 -8.72
CA ASN A 301 11.17 -6.35 -7.72
C ASN A 301 10.18 -5.30 -8.24
N VAL A 302 8.96 -5.36 -7.71
CA VAL A 302 7.91 -4.44 -8.16
C VAL A 302 8.25 -3.00 -7.83
N GLU A 303 9.10 -2.77 -6.82
CA GLU A 303 9.48 -1.40 -6.46
C GLU A 303 10.23 -0.70 -7.58
N PHE A 304 10.86 -1.45 -8.49
CA PHE A 304 11.64 -0.84 -9.55
C PHE A 304 10.75 -0.10 -10.55
N TRP A 305 9.77 -0.79 -11.12
CA TRP A 305 8.88 -0.15 -12.09
C TRP A 305 7.85 0.76 -11.41
N ALA A 306 7.57 0.56 -10.13
CA ALA A 306 6.75 1.51 -9.39
C ALA A 306 7.41 2.88 -9.34
N ALA A 307 8.73 2.91 -9.19
CA ALA A 307 9.44 4.18 -9.15
C ALA A 307 9.31 4.92 -10.47
N VAL A 308 9.41 4.20 -11.59
CA VAL A 308 9.30 4.85 -12.89
C VAL A 308 7.90 5.43 -13.09
N VAL A 309 6.87 4.65 -12.78
CA VAL A 309 5.49 5.11 -12.97
C VAL A 309 5.18 6.28 -12.05
N LEU A 310 5.54 6.16 -10.77
CA LEU A 310 5.23 7.22 -9.81
C LEU A 310 6.02 8.49 -10.12
N ASP A 311 7.31 8.37 -10.46
CA ASP A 311 8.09 9.55 -10.78
C ASP A 311 7.59 10.22 -12.06
N PHE A 312 7.11 9.43 -13.04
CA PHE A 312 6.58 10.01 -14.26
C PHE A 312 5.34 10.84 -13.98
N ALA A 313 4.56 10.48 -12.96
CA ALA A 313 3.36 11.22 -12.58
C ALA A 313 3.65 12.41 -11.68
N ARG A 314 4.93 12.74 -11.47
CA ARG A 314 5.34 13.91 -10.67
C ARG A 314 5.07 13.70 -9.19
N VAL A 315 5.23 12.47 -8.70
CA VAL A 315 5.10 12.15 -7.30
C VAL A 315 6.50 12.22 -6.66
N PRO A 316 6.73 13.08 -5.68
CA PRO A 316 8.05 13.15 -5.06
C PRO A 316 8.38 11.88 -4.29
N ALA A 317 9.63 11.79 -3.85
CA ALA A 317 10.10 10.60 -3.14
C ALA A 317 9.40 10.45 -1.79
N ASN A 318 9.31 11.53 -1.01
CA ASN A 318 8.68 11.42 0.30
C ASN A 318 7.19 11.13 0.22
N MET A 319 6.60 11.18 -0.97
CA MET A 319 5.18 10.94 -1.15
C MET A 319 4.86 9.55 -1.68
N MET A 320 5.86 8.80 -2.10
CA MET A 320 5.65 7.49 -2.71
C MET A 320 5.08 6.45 -1.73
N PRO A 321 5.51 6.41 -0.46
CA PRO A 321 4.83 5.50 0.48
C PRO A 321 3.33 5.77 0.65
N ALA A 322 2.93 7.04 0.62
CA ALA A 322 1.50 7.34 0.79
C ALA A 322 0.69 6.95 -0.43
N MET A 323 1.31 6.95 -1.61
CA MET A 323 0.59 6.52 -2.81
C MET A 323 0.30 5.02 -2.79
N PHE A 324 1.18 4.23 -2.17
CA PHE A 324 0.89 2.82 -1.95
C PHE A 324 -0.26 2.64 -0.97
N THR A 325 -0.28 3.41 0.13
CA THR A 325 -1.36 3.28 1.10
C THR A 325 -2.70 3.64 0.49
N CYS A 326 -2.75 4.70 -0.33
CA CYS A 326 -3.98 5.08 -1.01
C CYS A 326 -4.58 3.92 -1.80
N GLY A 327 -3.74 3.22 -2.57
CA GLY A 327 -4.24 2.12 -3.36
C GLY A 327 -4.75 0.96 -2.52
N ARG A 328 -4.01 0.62 -1.46
CA ARG A 328 -4.34 -0.53 -0.62
C ARG A 328 -5.61 -0.34 0.21
N THR A 329 -6.21 0.86 0.23
CA THR A 329 -7.46 1.03 0.97
C THR A 329 -8.56 0.12 0.41
N ALA A 330 -8.48 -0.23 -0.87
CA ALA A 330 -9.49 -1.09 -1.47
C ALA A 330 -9.43 -2.50 -0.88
N GLY A 331 -8.23 -3.07 -0.77
CA GLY A 331 -8.08 -4.36 -0.13
C GLY A 331 -8.43 -4.33 1.35
N TRP A 332 -8.05 -3.26 2.04
CA TRP A 332 -8.37 -3.11 3.46
C TRP A 332 -9.88 -3.13 3.70
N CYS A 333 -10.65 -2.39 2.89
CA CYS A 333 -12.09 -2.32 3.12
C CYS A 333 -12.77 -3.64 2.82
N ALA A 334 -12.32 -4.36 1.79
CA ALA A 334 -12.95 -5.64 1.45
C ALA A 334 -12.72 -6.68 2.55
N HIS A 335 -11.53 -6.69 3.15
CA HIS A 335 -11.26 -7.63 4.23
C HIS A 335 -11.98 -7.25 5.51
N ILE A 336 -12.14 -5.95 5.77
CA ILE A 336 -12.91 -5.52 6.94
C ILE A 336 -14.37 -5.96 6.80
N LEU A 337 -14.95 -5.77 5.63
CA LEU A 337 -16.33 -6.22 5.42
C LEU A 337 -16.45 -7.74 5.48
N GLU A 338 -15.44 -8.46 4.99
CA GLU A 338 -15.48 -9.92 5.09
C GLU A 338 -15.31 -10.39 6.53
N GLN A 339 -14.43 -9.72 7.29
CA GLN A 339 -14.26 -10.05 8.69
C GLN A 339 -15.53 -9.80 9.49
N LYS A 340 -16.30 -8.78 9.13
CA LYS A 340 -17.54 -8.48 9.83
C LYS A 340 -18.54 -9.62 9.67
N ARG A 341 -18.73 -10.09 8.44
CA ARG A 341 -19.67 -11.18 8.19
C ARG A 341 -19.20 -12.47 8.86
N LEU A 342 -17.89 -12.67 8.96
CA LEU A 342 -17.36 -13.86 9.61
C LEU A 342 -17.78 -13.91 11.08
N GLY A 343 -17.68 -12.79 11.79
CA GLY A 343 -18.09 -12.73 13.17
C GLY A 343 -17.33 -13.66 14.09
N LYS A 344 -16.02 -13.49 14.19
CA LYS A 344 -15.19 -14.32 15.05
C LYS A 344 -13.98 -13.51 15.47
N LEU A 345 -13.82 -13.30 16.77
CA LEU A 345 -12.69 -12.55 17.30
C LEU A 345 -11.40 -13.35 17.15
N VAL A 346 -10.38 -12.76 16.57
CA VAL A 346 -9.08 -13.41 16.50
C VAL A 346 -8.37 -13.19 17.83
N ARG A 347 -7.85 -14.28 18.40
CA ARG A 347 -7.32 -14.30 19.75
C ARG A 347 -6.34 -15.46 19.87
N PRO A 348 -5.07 -15.27 19.47
CA PRO A 348 -4.09 -16.36 19.56
C PRO A 348 -3.64 -16.64 20.98
N SER A 349 -2.65 -17.53 21.12
CA SER A 349 -2.19 -17.99 22.42
C SER A 349 -0.68 -17.78 22.53
N ALA A 350 -0.20 -17.78 23.77
CA ALA A 350 1.22 -17.65 24.07
C ALA A 350 1.62 -18.70 25.09
N ILE A 351 2.92 -18.90 25.24
CA ILE A 351 3.49 -19.86 26.18
C ILE A 351 4.49 -19.14 27.07
N TYR A 352 4.29 -19.22 28.37
CA TYR A 352 5.15 -18.55 29.33
C TYR A 352 6.42 -19.36 29.56
N VAL A 353 7.57 -18.68 29.55
CA VAL A 353 8.86 -19.30 29.79
C VAL A 353 9.69 -18.41 30.71
N GLY A 354 9.04 -17.42 31.30
CA GLY A 354 9.72 -16.47 32.17
C GLY A 354 9.94 -17.04 33.56
N PRO A 355 10.31 -16.15 34.50
CA PRO A 355 10.64 -16.62 35.85
C PRO A 355 9.44 -17.21 36.57
N GLY A 356 9.72 -18.18 37.44
CA GLY A 356 8.70 -18.79 38.24
C GLY A 356 8.26 -17.90 39.38
N PRO A 357 7.37 -18.44 40.22
CA PRO A 357 6.82 -17.66 41.33
C PRO A 357 7.89 -17.22 42.32
N ARG A 358 7.90 -15.92 42.62
CA ARG A 358 8.81 -15.34 43.60
C ARG A 358 8.07 -14.24 44.37
N SER A 359 8.68 -13.82 45.44
CA SER A 359 8.20 -12.74 46.27
C SER A 359 8.77 -11.41 45.79
N PRO A 360 8.05 -10.30 46.03
CA PRO A 360 8.53 -8.99 45.57
C PRO A 360 9.90 -8.62 46.11
N GLU A 361 10.23 -9.04 47.34
CA GLU A 361 11.51 -8.69 47.94
C GLU A 361 12.68 -9.36 47.25
N SER A 362 12.46 -10.47 46.55
CA SER A 362 13.53 -11.14 45.83
C SER A 362 13.94 -10.40 44.56
N VAL A 363 13.08 -9.53 44.03
CA VAL A 363 13.35 -8.86 42.77
C VAL A 363 14.41 -7.76 42.98
N ASP A 364 15.32 -7.64 42.01
CA ASP A 364 16.30 -6.57 42.04
C ASP A 364 15.61 -5.22 41.95
N GLY A 365 15.94 -4.32 42.88
CA GLY A 365 15.37 -2.99 42.91
C GLY A 365 14.30 -2.78 43.95
N TRP A 366 13.94 -3.82 44.71
CA TRP A 366 12.93 -3.67 45.77
C TRP A 366 13.32 -2.57 46.74
N GLU A 367 14.63 -2.43 46.99
CA GLU A 367 15.12 -1.41 47.94
C GLU A 367 14.69 -0.01 47.52
N ARG A 368 14.76 0.29 46.21
CA ARG A 368 14.32 1.61 45.75
C ARG A 368 12.84 1.80 46.02
N VAL A 369 12.03 0.78 45.76
CA VAL A 369 10.60 0.86 46.04
C VAL A 369 10.37 1.15 47.50
N LEU A 370 11.24 0.64 48.37
CA LEU A 370 11.08 0.86 49.81
C LEU A 370 11.47 2.27 50.21
N THR A 371 12.65 2.74 49.76
CA THR A 371 13.12 4.07 50.12
C THR A 371 12.16 5.15 49.62
N THR A 372 11.63 4.99 48.42
CA THR A 372 10.73 6.00 47.85
C THR A 372 9.35 5.94 48.48
N ALA A 373 8.70 4.77 48.44
CA ALA A 373 7.31 4.63 48.91
C ALA A 373 7.12 5.11 50.35
C1 EDO B . -12.33 14.85 11.93
O1 EDO B . -12.41 16.05 12.72
C2 EDO B . -11.03 14.87 11.12
O2 EDO B . -10.90 13.66 10.37
C1 EDO C . -24.35 -8.93 11.81
O1 EDO C . -24.40 -8.96 13.25
C2 EDO C . -22.95 -9.31 11.34
O2 EDO C . -22.87 -9.20 9.91
C1 EDO D . -11.31 13.04 -4.24
O1 EDO D . -10.85 14.38 -3.98
C2 EDO D . -12.82 13.05 -4.50
O2 EDO D . -13.30 11.70 -4.66
CAC FLC E . 3.29 -9.02 1.48
CA FLC E . 3.03 -8.65 0.06
CB FLC E . 3.59 -7.27 -0.29
CBC FLC E . 2.45 -6.26 -0.32
CG FLC E . 4.34 -7.28 -1.62
CGC FLC E . 5.27 -6.10 -1.77
OA1 FLC E . 2.36 -9.79 1.99
OA2 FLC E . 4.27 -8.66 2.10
OB1 FLC E . 1.70 -6.06 0.63
OB2 FLC E . 2.35 -5.64 -1.47
OG1 FLC E . 4.97 -5.08 -2.36
OG2 FLC E . 6.42 -6.27 -1.19
OHB FLC E . 4.51 -6.89 0.72
C1 EDO F . -5.95 22.45 3.60
O1 EDO F . -6.51 22.66 2.30
C2 EDO F . -4.61 23.18 3.69
O2 EDO F . -4.81 24.51 3.18
C1 EDO G . -6.10 21.36 -0.48
O1 EDO G . -4.93 21.93 0.12
C2 EDO G . -6.02 21.49 -1.99
O2 EDO G . -7.32 21.41 -2.58
#